data_4KRU
#
_entry.id   4KRU
#
_cell.length_a   47.770
_cell.length_b   57.620
_cell.length_c   73.420
_cell.angle_alpha   90.00
_cell.angle_beta   90.00
_cell.angle_gamma   90.00
#
_symmetry.space_group_name_H-M   'P 21 21 21'
#
loop_
_entity.id
_entity.type
_entity.pdbx_description
1 polymer 'Autolytic lysozyme'
2 non-polymer 2-acetamido-2-deoxy-alpha-D-glucopyranose
3 non-polymer 2-acetamido-2-deoxy-beta-D-glucopyranose
4 non-polymer 'PHOSPHATE ION'
5 water water
#
_entity_poly.entity_id   1
_entity_poly.type   'polypeptide(L)'
_entity_poly.pdbx_seq_one_letter_code
;MNHKVHHHHHHMQSRNNNNLKGIDVSNWKGNINFESVKNDGVEVVYIKATEGNYFKDKYAKQNYEGAKEQGLSVGFYHFF
RANKGAKDQANFFIDYLNEIGAVNYDCKLALDIETTEGVGVRDLTSMCIEFLEEVKRLTGKEVVVYTYTSFANNNLDSRL
GNYPVWIAHYGVNTPGANNIWSSWVGFQYSENGSVAGVNGGCDMNEFTEEIFIDSSNFNLDNATTKNVS
;
_entity_poly.pdbx_strand_id   A
#
# COMPACT_ATOMS: atom_id res chain seq x y z
N VAL A 5 9.38 7.07 21.47
CA VAL A 5 9.48 6.13 22.61
C VAL A 5 8.19 6.14 23.44
N HIS A 6 7.63 4.96 23.65
CA HIS A 6 6.40 4.82 24.43
C HIS A 6 6.64 4.95 25.92
N HIS A 7 5.73 5.62 26.61
CA HIS A 7 5.83 5.76 28.05
C HIS A 7 4.65 5.05 28.71
N HIS A 8 3.78 4.50 27.87
CA HIS A 8 2.61 3.74 28.28
C HIS A 8 2.19 2.91 27.06
N HIS A 9 1.30 1.95 27.25
CA HIS A 9 0.85 1.11 26.14
C HIS A 9 0.06 1.88 25.09
N HIS A 10 0.49 1.78 23.84
CA HIS A 10 -0.21 2.44 22.75
C HIS A 10 -1.07 1.39 22.04
N HIS A 11 -2.11 1.84 21.35
CA HIS A 11 -2.95 0.91 20.62
C HIS A 11 -3.44 1.50 19.31
N MET A 12 -3.74 0.60 18.36
CA MET A 12 -4.23 0.99 17.04
C MET A 12 -5.48 1.84 17.14
N GLN A 13 -5.60 2.84 16.28
CA GLN A 13 -6.77 3.70 16.29
C GLN A 13 -7.94 2.96 15.65
N SER A 14 -9.13 3.45 15.91
CA SER A 14 -10.32 2.86 15.33
C SER A 14 -10.67 3.67 14.09
N ARG A 15 -11.62 3.18 13.32
CA ARG A 15 -12.04 3.90 12.12
C ARG A 15 -12.63 5.24 12.55
N ASN A 16 -12.56 6.21 11.64
CA ASN A 16 -13.09 7.54 11.90
C ASN A 16 -13.59 8.09 10.57
N ASN A 17 -14.81 8.60 10.57
CA ASN A 17 -15.42 9.14 9.36
C ASN A 17 -14.62 10.29 8.75
N ASN A 18 -13.75 10.90 9.54
CA ASN A 18 -12.95 12.02 9.05
C ASN A 18 -11.65 11.60 8.35
N ASN A 19 -11.33 10.31 8.39
CA ASN A 19 -10.13 9.84 7.71
C ASN A 19 -10.43 9.83 6.22
N LEU A 20 -9.37 9.72 5.41
CA LEU A 20 -9.53 9.68 3.96
C LEU A 20 -10.20 8.38 3.53
N LYS A 21 -11.19 8.49 2.65
CA LYS A 21 -11.90 7.34 2.13
C LYS A 21 -11.06 6.78 0.99
N GLY A 22 -10.66 5.53 1.07
CA GLY A 22 -9.85 4.99 0.00
C GLY A 22 -10.22 3.61 -0.49
N ILE A 23 -9.64 3.23 -1.62
CA ILE A 23 -9.83 1.91 -2.20
C ILE A 23 -8.49 1.55 -2.83
N ASP A 24 -8.33 0.29 -3.20
CA ASP A 24 -7.12 -0.14 -3.89
C ASP A 24 -7.58 -1.11 -4.95
N VAL A 25 -6.96 -1.02 -6.12
CA VAL A 25 -7.33 -1.85 -7.25
C VAL A 25 -6.13 -2.41 -7.99
N SER A 26 -6.41 -3.38 -8.84
CA SER A 26 -5.39 -4.03 -9.67
C SER A 26 -6.08 -4.51 -10.95
N ASN A 27 -5.31 -5.14 -11.83
CA ASN A 27 -5.85 -5.66 -13.08
C ASN A 27 -7.06 -6.56 -12.85
N TRP A 28 -7.13 -7.18 -11.67
CA TRP A 28 -8.23 -8.06 -11.30
C TRP A 28 -9.58 -7.36 -11.46
N LYS A 29 -9.61 -6.04 -11.26
CA LYS A 29 -10.83 -5.26 -11.37
C LYS A 29 -11.17 -4.82 -12.80
N GLY A 30 -10.21 -4.95 -13.72
CA GLY A 30 -10.47 -4.54 -15.08
C GLY A 30 -10.75 -3.05 -15.23
N ASN A 31 -11.62 -2.71 -16.18
CA ASN A 31 -11.97 -1.32 -16.41
C ASN A 31 -12.77 -0.71 -15.26
N ILE A 32 -12.36 0.48 -14.84
CA ILE A 32 -12.99 1.19 -13.74
C ILE A 32 -13.44 2.58 -14.19
N ASN A 33 -14.61 3.00 -13.72
CA ASN A 33 -15.11 4.34 -14.04
C ASN A 33 -14.77 5.19 -12.82
N PHE A 34 -13.70 5.96 -12.92
CA PHE A 34 -13.27 6.79 -11.81
C PHE A 34 -14.12 8.01 -11.51
N GLU A 35 -14.96 8.41 -12.45
CA GLU A 35 -15.83 9.53 -12.19
C GLU A 35 -16.85 9.01 -11.18
N SER A 36 -17.29 7.77 -11.37
CA SER A 36 -18.23 7.15 -10.44
C SER A 36 -17.56 6.96 -9.08
N VAL A 37 -16.32 6.52 -9.08
CA VAL A 37 -15.58 6.32 -7.84
C VAL A 37 -15.53 7.63 -7.06
N LYS A 38 -15.18 8.72 -7.75
CA LYS A 38 -15.10 10.03 -7.13
C LYS A 38 -16.44 10.46 -6.55
N ASN A 39 -17.52 10.22 -7.31
CA ASN A 39 -18.85 10.60 -6.84
C ASN A 39 -19.34 9.81 -5.64
N ASP A 40 -18.65 8.71 -5.34
CA ASP A 40 -18.99 7.88 -4.20
C ASP A 40 -18.34 8.43 -2.93
N GLY A 41 -17.53 9.47 -3.09
CA GLY A 41 -16.86 10.06 -1.94
C GLY A 41 -15.46 9.52 -1.72
N VAL A 42 -15.00 8.64 -2.60
CA VAL A 42 -13.66 8.08 -2.47
C VAL A 42 -12.64 9.20 -2.69
N GLU A 43 -11.58 9.24 -1.90
CA GLU A 43 -10.57 10.28 -2.00
C GLU A 43 -9.19 9.77 -2.39
N VAL A 44 -8.91 8.50 -2.08
CA VAL A 44 -7.62 7.90 -2.37
C VAL A 44 -7.74 6.57 -3.09
N VAL A 45 -6.90 6.36 -4.10
CA VAL A 45 -6.89 5.12 -4.84
C VAL A 45 -5.47 4.56 -4.94
N TYR A 46 -5.24 3.38 -4.36
CA TYR A 46 -3.94 2.75 -4.47
C TYR A 46 -4.07 1.80 -5.67
N ILE A 47 -3.01 1.75 -6.47
CA ILE A 47 -3.01 0.98 -7.69
C ILE A 47 -1.86 -0.02 -7.75
N LYS A 48 -2.15 -1.26 -8.11
CA LYS A 48 -1.09 -2.25 -8.22
C LYS A 48 -0.25 -1.92 -9.45
N ALA A 49 1.07 -1.92 -9.26
CA ALA A 49 1.97 -1.63 -10.36
C ALA A 49 2.71 -2.87 -10.82
N THR A 50 3.37 -3.54 -9.89
CA THR A 50 4.18 -4.70 -10.20
C THR A 50 4.10 -5.81 -9.17
N GLU A 51 4.64 -6.97 -9.54
CA GLU A 51 4.70 -8.12 -8.65
C GLU A 51 5.98 -8.88 -8.96
N GLY A 52 6.74 -9.21 -7.92
CA GLY A 52 7.98 -9.93 -8.12
C GLY A 52 8.90 -9.09 -8.98
N ASN A 53 9.69 -9.74 -9.83
CA ASN A 53 10.60 -9.00 -10.70
C ASN A 53 10.26 -9.26 -12.15
N TYR A 54 9.02 -9.64 -12.43
CA TYR A 54 8.63 -9.95 -13.79
C TYR A 54 7.23 -9.51 -14.21
N PHE A 55 6.31 -9.38 -13.25
CA PHE A 55 4.94 -9.02 -13.61
C PHE A 55 4.58 -7.55 -13.51
N LYS A 56 4.02 -7.05 -14.61
CA LYS A 56 3.59 -5.66 -14.73
C LYS A 56 2.06 -5.66 -14.84
N ASP A 57 1.40 -4.87 -13.98
CA ASP A 57 -0.05 -4.80 -14.02
C ASP A 57 -0.45 -3.96 -15.23
N LYS A 58 -1.12 -4.59 -16.17
CA LYS A 58 -1.53 -3.92 -17.41
C LYS A 58 -2.39 -2.69 -17.24
N TYR A 59 -3.17 -2.63 -16.16
CA TYR A 59 -4.06 -1.50 -15.94
C TYR A 59 -3.50 -0.35 -15.12
N ALA A 60 -2.24 -0.45 -14.69
CA ALA A 60 -1.65 0.60 -13.89
C ALA A 60 -1.75 1.99 -14.50
N LYS A 61 -1.40 2.12 -15.78
CA LYS A 61 -1.44 3.43 -16.42
C LYS A 61 -2.84 4.00 -16.55
N GLN A 62 -3.78 3.21 -17.04
CA GLN A 62 -5.14 3.73 -17.20
C GLN A 62 -5.78 4.03 -15.86
N ASN A 63 -5.42 3.28 -14.82
CA ASN A 63 -5.98 3.53 -13.50
C ASN A 63 -5.40 4.83 -12.94
N TYR A 64 -4.10 5.01 -13.12
CA TYR A 64 -3.43 6.22 -12.66
C TYR A 64 -4.00 7.46 -13.34
N GLU A 65 -4.05 7.45 -14.67
CA GLU A 65 -4.57 8.60 -15.40
C GLU A 65 -6.06 8.81 -15.16
N GLY A 66 -6.82 7.72 -15.10
CA GLY A 66 -8.25 7.83 -14.87
C GLY A 66 -8.57 8.43 -13.51
N ALA A 67 -7.84 8.00 -12.49
CA ALA A 67 -8.08 8.51 -11.14
C ALA A 67 -7.63 9.96 -11.03
N LYS A 68 -6.45 10.27 -11.56
CA LYS A 68 -5.92 11.61 -11.48
C LYS A 68 -6.76 12.65 -12.21
N GLU A 69 -7.35 12.29 -13.34
CA GLU A 69 -8.15 13.26 -14.07
C GLU A 69 -9.44 13.63 -13.35
N GLN A 70 -9.79 12.86 -12.32
CA GLN A 70 -10.97 13.14 -11.52
C GLN A 70 -10.57 13.79 -10.19
N GLY A 71 -9.27 14.04 -10.02
CA GLY A 71 -8.80 14.69 -8.81
C GLY A 71 -8.57 13.78 -7.61
N LEU A 72 -8.54 12.47 -7.85
CA LEU A 72 -8.31 11.53 -6.77
C LEU A 72 -6.83 11.43 -6.46
N SER A 73 -6.50 11.27 -5.18
CA SER A 73 -5.11 11.10 -4.78
C SER A 73 -4.77 9.66 -5.11
N VAL A 74 -3.55 9.41 -5.57
CA VAL A 74 -3.16 8.06 -5.93
C VAL A 74 -1.83 7.61 -5.38
N GLY A 75 -1.72 6.30 -5.19
CA GLY A 75 -0.49 5.69 -4.72
C GLY A 75 -0.35 4.38 -5.47
N PHE A 76 0.85 3.81 -5.45
CA PHE A 76 1.11 2.53 -6.12
C PHE A 76 1.66 1.53 -5.12
N TYR A 77 1.41 0.25 -5.38
CA TYR A 77 1.95 -0.78 -4.52
C TYR A 77 2.60 -1.88 -5.35
N HIS A 78 3.53 -2.57 -4.71
CA HIS A 78 4.26 -3.67 -5.32
C HIS A 78 4.03 -4.93 -4.52
N PHE A 79 3.65 -6.01 -5.18
CA PHE A 79 3.43 -7.27 -4.48
C PHE A 79 4.78 -7.97 -4.41
N PHE A 80 5.34 -8.03 -3.21
CA PHE A 80 6.64 -8.63 -2.97
C PHE A 80 6.68 -10.15 -3.08
N ARG A 81 7.73 -10.66 -3.72
CA ARG A 81 7.96 -12.10 -3.84
C ARG A 81 9.37 -12.29 -3.33
N ALA A 82 9.47 -12.77 -2.10
CA ALA A 82 10.75 -12.97 -1.42
C ALA A 82 11.75 -13.90 -2.09
N ASN A 83 11.32 -14.67 -3.09
CA ASN A 83 12.22 -15.57 -3.78
C ASN A 83 12.98 -14.83 -4.88
N LYS A 84 12.70 -13.54 -5.01
CA LYS A 84 13.36 -12.69 -6.00
C LYS A 84 14.12 -11.59 -5.25
N GLY A 85 15.20 -11.09 -5.85
CA GLY A 85 15.99 -10.06 -5.20
C GLY A 85 15.20 -8.84 -4.76
N ALA A 86 15.51 -8.34 -3.57
CA ALA A 86 14.81 -7.18 -3.01
C ALA A 86 15.10 -5.91 -3.80
N LYS A 87 16.37 -5.60 -4.03
CA LYS A 87 16.72 -4.40 -4.78
C LYS A 87 16.26 -4.55 -6.22
N ASP A 88 16.31 -5.77 -6.74
CA ASP A 88 15.87 -6.04 -8.11
C ASP A 88 14.40 -5.65 -8.24
N GLN A 89 13.58 -6.09 -7.28
CA GLN A 89 12.15 -5.77 -7.29
C GLN A 89 11.89 -4.27 -7.14
N ALA A 90 12.67 -3.60 -6.31
CA ALA A 90 12.50 -2.16 -6.10
C ALA A 90 12.72 -1.44 -7.42
N ASN A 91 13.75 -1.86 -8.16
CA ASN A 91 14.05 -1.24 -9.44
C ASN A 91 13.00 -1.58 -10.49
N PHE A 92 12.51 -2.81 -10.47
CA PHE A 92 11.48 -3.24 -11.41
C PHE A 92 10.21 -2.40 -11.22
N PHE A 93 9.86 -2.20 -9.94
CA PHE A 93 8.70 -1.43 -9.51
C PHE A 93 8.80 0.02 -10.00
N ILE A 94 9.88 0.70 -9.62
CA ILE A 94 10.07 2.08 -10.02
C ILE A 94 10.25 2.25 -11.53
N ASP A 95 10.96 1.32 -12.17
CA ASP A 95 11.15 1.41 -13.62
C ASP A 95 9.79 1.39 -14.32
N TYR A 96 8.87 0.57 -13.83
CA TYR A 96 7.56 0.50 -14.45
C TYR A 96 6.78 1.80 -14.26
N LEU A 97 6.87 2.40 -13.07
CA LEU A 97 6.16 3.65 -12.83
C LEU A 97 6.66 4.72 -13.81
N ASN A 98 7.96 4.71 -14.08
CA ASN A 98 8.50 5.67 -15.03
C ASN A 98 8.08 5.32 -16.45
N GLU A 99 8.01 4.03 -16.76
CA GLU A 99 7.59 3.59 -18.09
C GLU A 99 6.19 4.10 -18.42
N ILE A 100 5.29 4.05 -17.45
CA ILE A 100 3.91 4.50 -17.67
C ILE A 100 3.72 5.99 -17.44
N GLY A 101 4.82 6.69 -17.15
CA GLY A 101 4.75 8.13 -16.94
C GLY A 101 4.02 8.57 -15.68
N ALA A 102 3.98 7.71 -14.68
CA ALA A 102 3.31 8.04 -13.42
C ALA A 102 4.34 8.74 -12.53
N VAL A 103 4.46 10.05 -12.71
CA VAL A 103 5.43 10.83 -11.97
C VAL A 103 4.83 11.89 -11.04
N ASN A 104 3.55 11.72 -10.71
CA ASN A 104 2.89 12.68 -9.84
C ASN A 104 1.98 11.99 -8.82
N TYR A 105 2.34 10.78 -8.40
CA TYR A 105 1.52 10.08 -7.41
C TYR A 105 1.60 10.86 -6.10
N ASP A 106 0.49 10.88 -5.37
CA ASP A 106 0.38 11.64 -4.12
C ASP A 106 0.67 10.90 -2.84
N CYS A 107 0.54 9.58 -2.88
CA CYS A 107 0.70 8.77 -1.69
C CYS A 107 1.99 7.96 -1.65
N LYS A 108 2.41 7.62 -0.43
CA LYS A 108 3.62 6.86 -0.22
C LYS A 108 3.63 5.54 -0.99
N LEU A 109 4.80 5.21 -1.53
CA LEU A 109 4.98 3.98 -2.30
C LEU A 109 4.84 2.80 -1.34
N ALA A 110 3.96 1.87 -1.69
CA ALA A 110 3.68 0.74 -0.81
C ALA A 110 4.27 -0.61 -1.14
N LEU A 111 4.84 -1.23 -0.11
CA LEU A 111 5.39 -2.57 -0.20
C LEU A 111 4.30 -3.50 0.31
N ASP A 112 3.77 -4.34 -0.57
CA ASP A 112 2.74 -5.30 -0.20
C ASP A 112 3.48 -6.60 0.13
N ILE A 113 3.62 -6.88 1.42
CA ILE A 113 4.29 -8.10 1.87
C ILE A 113 3.30 -8.96 2.64
N GLU A 114 2.99 -10.11 2.07
CA GLU A 114 2.01 -11.00 2.67
C GLU A 114 2.26 -12.49 2.45
N THR A 115 3.45 -12.83 1.97
CA THR A 115 3.84 -14.22 1.74
C THR A 115 5.32 -14.34 2.09
N THR A 116 5.73 -15.50 2.59
CA THR A 116 7.12 -15.69 2.99
C THR A 116 7.98 -16.31 1.89
N GLU A 117 7.35 -17.11 1.03
CA GLU A 117 8.07 -17.80 -0.03
C GLU A 117 9.13 -18.69 0.62
N GLY A 118 8.86 -19.09 1.86
CA GLY A 118 9.78 -19.96 2.59
C GLY A 118 10.89 -19.26 3.36
N VAL A 119 10.97 -17.94 3.26
CA VAL A 119 12.01 -17.20 3.95
C VAL A 119 11.69 -16.94 5.43
N GLY A 120 12.69 -17.12 6.28
CA GLY A 120 12.53 -16.92 7.71
C GLY A 120 12.22 -15.49 8.12
N VAL A 121 11.81 -15.32 9.38
CA VAL A 121 11.43 -14.01 9.91
C VAL A 121 12.49 -12.93 9.77
N ARG A 122 13.68 -13.16 10.30
CA ARG A 122 14.75 -12.17 10.22
C ARG A 122 15.11 -11.84 8.78
N ASP A 123 15.34 -12.87 7.97
CA ASP A 123 15.72 -12.66 6.58
C ASP A 123 14.63 -12.00 5.74
N LEU A 124 13.38 -12.37 5.96
CA LEU A 124 12.30 -11.78 5.19
C LEU A 124 12.18 -10.30 5.54
N THR A 125 12.29 -10.00 6.83
CA THR A 125 12.22 -8.61 7.28
C THR A 125 13.36 -7.80 6.68
N SER A 126 14.55 -8.38 6.64
CA SER A 126 15.70 -7.70 6.07
C SER A 126 15.49 -7.43 4.59
N MET A 127 14.88 -8.38 3.88
CA MET A 127 14.61 -8.20 2.46
C MET A 127 13.63 -7.04 2.27
N CYS A 128 12.62 -6.96 3.13
CA CYS A 128 11.65 -5.89 3.05
C CYS A 128 12.34 -4.54 3.25
N ILE A 129 13.23 -4.47 4.23
CA ILE A 129 13.95 -3.22 4.50
C ILE A 129 14.80 -2.83 3.30
N GLU A 130 15.48 -3.79 2.69
CA GLU A 130 16.30 -3.49 1.52
C GLU A 130 15.44 -2.93 0.40
N PHE A 131 14.26 -3.52 0.21
CA PHE A 131 13.34 -3.06 -0.82
C PHE A 131 12.92 -1.62 -0.54
N LEU A 132 12.44 -1.37 0.68
CA LEU A 132 11.99 -0.04 1.07
C LEU A 132 13.07 1.02 0.92
N GLU A 133 14.28 0.70 1.39
CA GLU A 133 15.38 1.65 1.29
C GLU A 133 15.83 1.89 -0.16
N GLU A 134 15.74 0.88 -1.00
CA GLU A 134 16.12 1.05 -2.40
C GLU A 134 15.07 1.94 -3.08
N VAL A 135 13.80 1.73 -2.75
CA VAL A 135 12.74 2.55 -3.34
C VAL A 135 12.96 4.01 -2.92
N LYS A 136 13.32 4.21 -1.65
CA LYS A 136 13.56 5.56 -1.14
C LYS A 136 14.76 6.19 -1.88
N ARG A 137 15.81 5.41 -2.07
CA ARG A 137 17.00 5.90 -2.76
C ARG A 137 16.69 6.31 -4.20
N LEU A 138 15.96 5.45 -4.91
CA LEU A 138 15.61 5.69 -6.30
C LEU A 138 14.67 6.87 -6.55
N THR A 139 13.68 7.02 -5.70
CA THR A 139 12.67 8.06 -5.86
C THR A 139 12.83 9.32 -5.02
N GLY A 140 13.53 9.20 -3.90
CA GLY A 140 13.71 10.33 -3.02
C GLY A 140 12.42 10.59 -2.26
N LYS A 141 11.47 9.65 -2.38
CA LYS A 141 10.17 9.78 -1.73
C LYS A 141 9.99 8.76 -0.61
N GLU A 142 8.89 8.90 0.13
CA GLU A 142 8.61 8.01 1.25
C GLU A 142 7.81 6.75 0.93
N VAL A 143 7.86 5.81 1.85
CA VAL A 143 7.22 4.51 1.69
C VAL A 143 6.30 4.10 2.83
N VAL A 144 5.51 3.05 2.58
CA VAL A 144 4.60 2.51 3.56
C VAL A 144 4.54 1.01 3.37
N VAL A 145 4.29 0.28 4.45
CA VAL A 145 4.23 -1.17 4.38
C VAL A 145 2.80 -1.67 4.51
N TYR A 146 2.37 -2.51 3.57
CA TYR A 146 1.05 -3.11 3.64
C TYR A 146 1.22 -4.57 3.99
N THR A 147 0.45 -5.02 4.98
CA THR A 147 0.47 -6.42 5.38
C THR A 147 -0.77 -6.65 6.24
N TYR A 148 -0.94 -7.87 6.75
CA TYR A 148 -2.09 -8.14 7.60
C TYR A 148 -1.63 -8.53 9.00
N THR A 149 -2.51 -8.34 9.97
CA THR A 149 -2.20 -8.59 11.37
C THR A 149 -1.40 -9.85 11.71
N SER A 150 -1.92 -11.02 11.35
CA SER A 150 -1.23 -12.26 11.67
C SER A 150 0.16 -12.35 11.03
N PHE A 151 0.30 -11.83 9.82
CA PHE A 151 1.59 -11.87 9.14
C PHE A 151 2.59 -11.02 9.91
N ALA A 152 2.16 -9.85 10.37
CA ALA A 152 3.02 -8.97 11.13
C ALA A 152 3.46 -9.62 12.44
N ASN A 153 2.54 -10.33 13.08
CA ASN A 153 2.85 -10.97 14.36
C ASN A 153 3.67 -12.25 14.29
N ASN A 154 3.59 -12.96 13.17
CA ASN A 154 4.29 -14.23 13.06
C ASN A 154 5.38 -14.37 12.01
N ASN A 155 5.35 -13.53 10.97
CA ASN A 155 6.34 -13.68 9.91
C ASN A 155 7.33 -12.54 9.67
N LEU A 156 7.23 -11.48 10.48
CA LEU A 156 8.13 -10.34 10.34
C LEU A 156 8.58 -9.89 11.73
N ASP A 157 9.69 -9.14 11.81
CA ASP A 157 10.13 -8.66 13.11
C ASP A 157 10.00 -7.15 13.26
N SER A 158 10.11 -6.67 14.50
CA SER A 158 9.93 -5.26 14.85
C SER A 158 10.71 -4.19 14.10
N ARG A 159 11.75 -4.56 13.38
CA ARG A 159 12.52 -3.55 12.65
C ARG A 159 11.65 -2.83 11.62
N LEU A 160 10.61 -3.49 11.13
CA LEU A 160 9.74 -2.85 10.16
C LEU A 160 8.85 -1.79 10.81
N GLY A 161 8.86 -1.75 12.14
CA GLY A 161 8.07 -0.77 12.85
C GLY A 161 8.59 0.65 12.65
N ASN A 162 9.74 0.78 12.02
CA ASN A 162 10.33 2.09 11.76
C ASN A 162 9.68 2.74 10.54
N TYR A 163 8.77 2.00 9.90
CA TYR A 163 8.04 2.48 8.74
C TYR A 163 6.56 2.51 9.06
N PRO A 164 5.80 3.39 8.40
CA PRO A 164 4.36 3.45 8.70
C PRO A 164 3.69 2.23 8.08
N VAL A 165 2.53 1.84 8.61
CA VAL A 165 1.83 0.68 8.10
C VAL A 165 0.42 0.94 7.59
N TRP A 166 0.05 0.16 6.59
CA TRP A 166 -1.27 0.16 5.96
C TRP A 166 -1.64 -1.28 6.28
N ILE A 167 -2.40 -1.43 7.36
CA ILE A 167 -2.76 -2.75 7.87
C ILE A 167 -4.12 -3.28 7.43
N ALA A 168 -4.14 -4.55 7.08
CA ALA A 168 -5.36 -5.21 6.65
C ALA A 168 -5.93 -6.07 7.78
N HIS A 169 -7.21 -5.86 8.08
CA HIS A 169 -7.89 -6.64 9.11
C HIS A 169 -9.38 -6.38 8.90
N TYR A 170 -10.04 -7.31 8.22
CA TYR A 170 -11.44 -7.15 7.88
C TYR A 170 -12.44 -7.48 8.99
N GLY A 171 -13.62 -6.87 8.87
CA GLY A 171 -14.69 -7.12 9.82
C GLY A 171 -14.54 -6.55 11.22
N VAL A 172 -13.67 -5.57 11.39
CA VAL A 172 -13.48 -4.95 12.69
C VAL A 172 -13.35 -3.43 12.54
N ASN A 173 -13.64 -2.72 13.62
CA ASN A 173 -13.56 -1.27 13.61
C ASN A 173 -12.16 -0.79 13.98
N THR A 174 -11.36 -1.73 14.50
CA THR A 174 -9.99 -1.43 14.91
C THR A 174 -9.11 -2.64 14.60
N PRO A 175 -7.95 -2.42 13.96
CA PRO A 175 -7.06 -3.55 13.64
C PRO A 175 -6.63 -4.24 14.92
N GLY A 176 -6.39 -5.54 14.86
CA GLY A 176 -5.99 -6.28 16.05
C GLY A 176 -4.61 -5.97 16.61
N ALA A 177 -4.36 -6.44 17.83
CA ALA A 177 -3.09 -6.24 18.51
C ALA A 177 -1.97 -6.62 17.55
N ASN A 178 -0.96 -5.76 17.47
CA ASN A 178 0.14 -5.94 16.54
C ASN A 178 1.48 -5.81 17.28
N ASN A 179 2.36 -6.78 17.09
CA ASN A 179 3.66 -6.80 17.76
C ASN A 179 4.69 -5.85 17.13
N ILE A 180 4.37 -5.30 15.96
CA ILE A 180 5.29 -4.41 15.28
C ILE A 180 4.81 -2.96 15.26
N TRP A 181 3.52 -2.75 15.02
CA TRP A 181 2.95 -1.41 14.94
C TRP A 181 1.85 -1.17 15.97
N SER A 182 1.76 0.05 16.49
CA SER A 182 0.72 0.40 17.44
C SER A 182 -0.13 1.55 16.90
N SER A 183 0.13 1.93 15.65
CA SER A 183 -0.63 2.98 14.98
C SER A 183 -0.56 2.69 13.49
N TRP A 184 -1.58 3.13 12.74
CA TRP A 184 -1.61 2.90 11.30
C TRP A 184 -1.87 4.17 10.51
N VAL A 185 -1.38 4.21 9.27
CA VAL A 185 -1.63 5.34 8.40
C VAL A 185 -2.65 4.86 7.35
N GLY A 186 -2.82 3.54 7.28
CA GLY A 186 -3.77 2.94 6.37
C GLY A 186 -4.44 1.76 7.05
N PHE A 187 -5.72 1.55 6.77
CA PHE A 187 -6.47 0.44 7.35
C PHE A 187 -7.43 -0.12 6.32
N GLN A 188 -7.13 -1.32 5.83
CA GLN A 188 -7.97 -2.00 4.84
C GLN A 188 -8.94 -2.82 5.68
N TYR A 189 -10.18 -2.36 5.74
CA TYR A 189 -11.18 -3.01 6.58
C TYR A 189 -12.19 -3.91 5.89
N SER A 190 -12.17 -3.96 4.56
CA SER A 190 -13.08 -4.81 3.82
C SER A 190 -12.52 -5.14 2.44
N GLU A 191 -12.84 -6.32 1.94
CA GLU A 191 -12.40 -6.75 0.62
C GLU A 191 -13.63 -6.95 -0.27
N ASN A 192 -14.81 -6.66 0.29
CA ASN A 192 -16.06 -6.86 -0.45
C ASN A 192 -16.90 -5.61 -0.66
N GLY A 193 -16.29 -4.44 -0.64
CA GLY A 193 -17.07 -3.23 -0.82
C GLY A 193 -17.74 -3.08 -2.17
N SER A 194 -18.86 -2.36 -2.19
CA SER A 194 -19.57 -2.05 -3.41
C SER A 194 -19.27 -0.59 -3.67
N VAL A 195 -18.44 -0.33 -4.67
CA VAL A 195 -18.03 1.02 -5.03
C VAL A 195 -18.46 1.32 -6.45
N ALA A 196 -19.13 2.45 -6.65
CA ALA A 196 -19.59 2.84 -7.98
C ALA A 196 -18.43 2.91 -8.95
N GLY A 197 -18.61 2.30 -10.12
CA GLY A 197 -17.55 2.32 -11.13
C GLY A 197 -16.60 1.14 -11.05
N VAL A 198 -16.71 0.35 -9.98
CA VAL A 198 -15.86 -0.81 -9.80
C VAL A 198 -16.72 -2.07 -9.80
N ASN A 199 -16.37 -3.03 -10.66
CA ASN A 199 -17.12 -4.28 -10.75
C ASN A 199 -16.64 -5.29 -9.72
N GLY A 200 -17.60 -5.89 -9.00
CA GLY A 200 -17.24 -6.88 -8.00
C GLY A 200 -16.78 -6.29 -6.69
N GLY A 201 -16.36 -7.16 -5.76
CA GLY A 201 -15.89 -6.72 -4.46
C GLY A 201 -14.70 -5.79 -4.55
N CYS A 202 -14.77 -4.68 -3.83
CA CYS A 202 -13.70 -3.70 -3.85
C CYS A 202 -13.04 -3.55 -2.48
N ASP A 203 -11.71 -3.46 -2.47
CA ASP A 203 -10.97 -3.28 -1.23
C ASP A 203 -11.27 -1.87 -0.70
N MET A 204 -11.67 -1.80 0.58
CA MET A 204 -12.02 -0.54 1.22
C MET A 204 -10.98 -0.17 2.26
N ASN A 205 -10.56 1.10 2.25
CA ASN A 205 -9.56 1.59 3.19
C ASN A 205 -9.89 2.93 3.81
N GLU A 206 -9.21 3.21 4.91
CA GLU A 206 -9.27 4.51 5.55
C GLU A 206 -7.78 4.85 5.62
N PHE A 207 -7.44 6.09 5.33
CA PHE A 207 -6.06 6.53 5.38
C PHE A 207 -6.00 7.82 6.18
N THR A 208 -4.89 8.03 6.88
CA THR A 208 -4.72 9.28 7.62
C THR A 208 -3.91 10.19 6.70
N GLU A 209 -3.78 11.45 7.06
CA GLU A 209 -3.02 12.40 6.26
C GLU A 209 -1.57 11.97 6.08
N GLU A 210 -1.08 11.10 6.96
CA GLU A 210 0.30 10.64 6.86
C GLU A 210 0.55 9.67 5.72
N ILE A 211 -0.49 9.37 4.94
CA ILE A 211 -0.35 8.48 3.81
C ILE A 211 0.26 9.26 2.64
N PHE A 212 0.16 10.58 2.71
CA PHE A 212 0.66 11.44 1.65
C PHE A 212 2.16 11.69 1.66
N ILE A 213 2.71 11.83 0.47
CA ILE A 213 4.13 12.14 0.30
C ILE A 213 4.22 13.63 0.62
N ASP A 214 5.13 14.00 1.52
CA ASP A 214 5.27 15.40 1.87
C ASP A 214 6.73 15.77 2.03
N SER A 215 7.60 15.09 1.29
CA SER A 215 9.03 15.35 1.34
C SER A 215 9.74 14.76 0.14
N SER A 216 10.98 15.19 -0.06
CA SER A 216 11.83 14.69 -1.14
C SER A 216 13.29 14.81 -0.72
N ASN A 217 14.11 13.89 -1.23
CA ASN A 217 15.54 13.91 -0.95
C ASN A 217 16.24 14.79 -1.97
N PHE A 218 15.51 15.17 -3.00
CA PHE A 218 16.06 16.00 -4.08
C PHE A 218 15.58 17.44 -4.02
#